data_6EFZ
#
_entry.id   6EFZ
#
_cell.length_a   79.103
_cell.length_b   146.476
_cell.length_c   189.992
_cell.angle_alpha   90.00
_cell.angle_beta   90.00
_cell.angle_gamma   90.00
#
_symmetry.space_group_name_H-M   'I 21 21 21'
#
loop_
_entity.id
_entity.type
_entity.pdbx_description
1 polymer 'Dpr-interacting protein theta'
2 branched alpha-D-mannopyranose-(1-3)-[alpha-D-mannopyranose-(1-6)]beta-D-mannopyranose-(1-4)-2-acetamido-2-deoxy-beta-D-glucopyranose-(1-4)-[alpha-L-fucopyranose-(1-6)]2-acetamido-2-deoxy-beta-D-glucopyranose
3 branched beta-D-mannopyranose-(1-4)-2-acetamido-2-deoxy-beta-D-glucopyranose-(1-4)-[alpha-L-fucopyranose-(1-6)]2-acetamido-2-deoxy-beta-D-glucopyranose
4 non-polymer 2-acetamido-2-deoxy-beta-D-glucopyranose
5 non-polymer 'ACETATE ION'
6 non-polymer DI(HYDROXYETHYL)ETHER
7 water water
#
_entity_poly.entity_id   1
_entity_poly.type   'polypeptide(L)'
_entity_poly.pdbx_seq_one_letter_code
;DLPKFGELLQNVTVPVSREAVLQCVVDNLQTYKIAWLRVDTQTILTIQNHVITKNHRMSITHAEKRAWILRIRDVKESDK
GWYMCQINTDPMKSQVGYLDVVVPPDILDYPTSTDMVIREGSNVTLKCAATGSPTPTITWRREGGELIPLPNGAEAVAYN
GSFLTIAKVNRLNMGAYLCIASNGIPPTVSKRVMLIVHFPPMIWIQNQLVGAALTQNITLECQSEAYPKSINYWMKNDTI
IVPGERFVPETFESGYKITMRLTIYEVDIQDFGAYRCVAKNSLGDTDGAIKLYHIPHHHHHH
;
_entity_poly.pdbx_strand_id   A
#
loop_
_chem_comp.id
_chem_comp.type
_chem_comp.name
_chem_comp.formula
ACT non-polymer 'ACETATE ION' 'C2 H3 O2 -1'
BMA D-saccharide, beta linking beta-D-mannopyranose 'C6 H12 O6'
FUC L-saccharide, alpha linking alpha-L-fucopyranose 'C6 H12 O5'
MAN D-saccharide, alpha linking alpha-D-mannopyranose 'C6 H12 O6'
NAG D-saccharide, beta linking 2-acetamido-2-deoxy-beta-D-glucopyranose 'C8 H15 N O6'
PEG non-polymer DI(HYDROXYETHYL)ETHER 'C4 H10 O3'
#
# COMPACT_ATOMS: atom_id res chain seq x y z
N ASP A 1 51.24 30.10 -22.24
CA ASP A 1 49.95 30.51 -21.71
C ASP A 1 49.63 29.78 -20.41
N LEU A 2 48.57 30.22 -19.72
CA LEU A 2 48.13 29.59 -18.48
C LEU A 2 47.09 28.52 -18.76
N PRO A 3 47.01 27.47 -17.94
CA PRO A 3 45.96 26.47 -18.13
C PRO A 3 44.58 27.06 -17.88
N LYS A 4 43.58 26.40 -18.46
CA LYS A 4 42.19 26.79 -18.23
C LYS A 4 41.31 25.56 -18.39
N PHE A 5 40.20 25.54 -17.65
CA PHE A 5 39.31 24.39 -17.68
C PHE A 5 38.82 24.13 -19.10
N GLY A 6 38.86 22.86 -19.51
CA GLY A 6 38.43 22.48 -20.84
C GLY A 6 36.93 22.38 -20.97
N GLU A 7 36.27 21.83 -19.95
CA GLU A 7 34.82 21.72 -19.92
C GLU A 7 34.36 22.00 -18.50
N LEU A 8 33.25 22.73 -18.38
CA LEU A 8 32.75 23.16 -17.09
C LEU A 8 32.58 21.97 -16.15
N LEU A 9 32.64 22.23 -14.85
CA LEU A 9 32.42 21.18 -13.87
C LEU A 9 30.92 20.96 -13.71
N GLN A 10 30.49 19.72 -13.90
CA GLN A 10 29.08 19.44 -14.06
C GLN A 10 28.44 19.00 -12.75
N ASN A 11 27.16 19.30 -12.62
CA ASN A 11 26.39 18.91 -11.45
C ASN A 11 26.11 17.41 -11.47
N VAL A 12 26.32 16.75 -10.34
CA VAL A 12 26.02 15.34 -10.19
C VAL A 12 24.95 15.17 -9.13
N THR A 13 24.29 14.03 -9.18
CA THR A 13 23.25 13.67 -8.22
C THR A 13 23.29 12.16 -8.06
N VAL A 14 23.54 11.69 -6.85
CA VAL A 14 23.84 10.27 -6.63
C VAL A 14 22.94 9.75 -5.51
N PRO A 15 22.66 8.46 -5.49
CA PRO A 15 21.98 7.87 -4.33
C PRO A 15 22.96 7.37 -3.27
N VAL A 16 22.40 7.14 -2.08
CA VAL A 16 23.22 6.72 -0.94
C VAL A 16 23.89 5.38 -1.23
N SER A 17 25.07 5.18 -0.64
CA SER A 17 25.79 3.92 -0.71
C SER A 17 26.40 3.68 -2.08
N ARG A 18 25.97 4.45 -3.09
CA ARG A 18 26.47 4.27 -4.44
C ARG A 18 27.86 4.90 -4.54
N GLU A 19 28.38 5.02 -5.76
CA GLU A 19 29.64 5.70 -6.01
C GLU A 19 29.35 7.03 -6.70
N ALA A 20 30.12 8.05 -6.33
CA ALA A 20 30.04 9.36 -6.96
C ALA A 20 31.33 9.60 -7.73
N VAL A 21 31.17 10.14 -8.94
CA VAL A 21 32.29 10.37 -9.85
C VAL A 21 32.22 11.82 -10.29
N LEU A 22 33.18 12.62 -9.84
CA LEU A 22 33.28 14.01 -10.26
C LEU A 22 34.54 14.19 -11.10
N GLN A 23 34.40 14.89 -12.22
CA GLN A 23 35.38 14.90 -13.28
C GLN A 23 35.76 16.34 -13.59
N CYS A 24 37.04 16.66 -13.40
CA CYS A 24 37.58 17.96 -13.73
C CYS A 24 38.60 17.80 -14.84
N VAL A 25 38.59 18.73 -15.80
CA VAL A 25 39.43 18.67 -16.98
C VAL A 25 40.10 20.01 -17.19
N VAL A 26 41.34 19.99 -17.65
CA VAL A 26 42.13 21.20 -17.83
C VAL A 26 42.98 21.05 -19.08
N ASP A 27 43.02 22.11 -19.89
CA ASP A 27 43.87 22.14 -21.06
C ASP A 27 45.24 22.72 -20.72
N ASN A 28 46.29 22.10 -21.27
CA ASN A 28 47.65 22.58 -21.08
C ASN A 28 47.96 22.87 -19.61
N LEU A 29 48.15 21.80 -18.83
CA LEU A 29 48.45 21.97 -17.42
C LEU A 29 49.92 22.26 -17.16
N GLN A 30 50.79 21.94 -18.11
CA GLN A 30 52.25 22.14 -17.96
C GLN A 30 52.66 21.52 -16.63
N THR A 31 53.34 22.25 -15.75
CA THR A 31 53.82 21.74 -14.47
C THR A 31 52.93 22.16 -13.30
N TYR A 32 51.81 22.81 -13.57
CA TYR A 32 50.88 23.17 -12.50
C TYR A 32 50.23 21.90 -11.96
N LYS A 33 49.32 22.07 -10.99
CA LYS A 33 48.78 20.95 -10.25
C LYS A 33 47.31 21.18 -9.96
N ILE A 34 46.54 20.09 -9.94
CA ILE A 34 45.11 20.13 -9.65
C ILE A 34 44.89 19.66 -8.22
N ALA A 35 43.84 20.20 -7.60
CA ALA A 35 43.45 19.80 -6.27
C ALA A 35 41.94 19.74 -6.19
N TRP A 36 41.42 18.67 -5.61
CA TRP A 36 40.02 18.59 -5.21
C TRP A 36 39.91 18.95 -3.73
N LEU A 37 38.74 19.49 -3.36
CA LEU A 37 38.54 19.85 -1.97
C LEU A 37 37.09 20.23 -1.72
N ARG A 38 36.50 19.68 -0.66
CA ARG A 38 35.17 20.06 -0.23
C ARG A 38 35.14 21.54 0.16
N VAL A 39 34.08 22.23 -0.26
CA VAL A 39 34.04 23.68 -0.08
C VAL A 39 33.56 24.05 1.31
N ASP A 40 32.32 23.66 1.64
CA ASP A 40 31.73 24.03 2.92
C ASP A 40 32.69 23.77 4.07
N THR A 41 33.12 22.52 4.23
CA THR A 41 34.05 22.19 5.29
C THR A 41 35.47 22.68 5.01
N GLN A 42 35.70 23.34 3.88
CA GLN A 42 37.01 23.92 3.58
C GLN A 42 38.12 22.88 3.66
N THR A 43 37.79 21.64 3.33
CA THR A 43 38.68 20.50 3.56
C THR A 43 39.38 20.10 2.27
N ILE A 44 40.71 20.09 2.29
CA ILE A 44 41.47 19.54 1.17
C ILE A 44 41.19 18.05 1.07
N LEU A 45 41.17 17.53 -0.16
CA LEU A 45 40.86 16.13 -0.41
C LEU A 45 41.99 15.44 -1.16
N THR A 46 42.27 15.85 -2.40
CA THR A 46 43.27 15.20 -3.22
C THR A 46 44.08 16.25 -3.96
N ILE A 47 45.30 15.86 -4.34
CA ILE A 47 46.20 16.71 -5.10
C ILE A 47 46.96 15.83 -6.07
N GLN A 48 46.77 16.08 -7.37
CA GLN A 48 47.44 15.29 -8.40
C GLN A 48 46.98 13.84 -8.22
N ASN A 49 47.88 12.86 -8.32
CA ASN A 49 47.53 11.46 -8.11
C ASN A 49 47.57 11.06 -6.65
N HIS A 50 47.90 11.98 -5.74
CA HIS A 50 48.04 11.68 -4.33
C HIS A 50 46.77 12.10 -3.59
N VAL A 51 46.26 11.23 -2.74
CA VAL A 51 45.09 11.52 -1.91
C VAL A 51 45.58 12.01 -0.55
N ILE A 52 44.93 13.07 -0.05
CA ILE A 52 45.31 13.67 1.23
C ILE A 52 44.40 13.12 2.32
N THR A 53 43.10 13.43 2.22
CA THR A 53 42.17 13.07 3.27
C THR A 53 42.28 11.59 3.60
N LYS A 54 42.30 11.28 4.90
CA LYS A 54 42.31 9.89 5.33
C LYS A 54 40.99 9.20 5.07
N ASN A 55 39.96 9.95 4.64
CA ASN A 55 38.69 9.35 4.23
C ASN A 55 38.91 8.34 3.11
N HIS A 56 38.89 7.06 3.45
CA HIS A 56 39.25 6.02 2.49
C HIS A 56 38.24 5.86 1.36
N ARG A 57 37.06 6.47 1.46
CA ARG A 57 36.07 6.37 0.39
C ARG A 57 36.40 7.25 -0.80
N MET A 58 37.46 8.05 -0.73
CA MET A 58 37.81 9.00 -1.77
C MET A 58 39.03 8.52 -2.53
N SER A 59 39.05 8.76 -3.84
CA SER A 59 40.11 8.26 -4.69
C SER A 59 40.21 9.13 -5.93
N ILE A 60 41.44 9.37 -6.37
CA ILE A 60 41.72 10.18 -7.55
C ILE A 60 42.32 9.29 -8.63
N THR A 61 42.03 9.60 -9.89
CA THR A 61 42.58 8.88 -11.02
C THR A 61 43.03 9.87 -12.08
N HIS A 62 44.14 9.56 -12.73
CA HIS A 62 44.69 10.39 -13.79
C HIS A 62 44.77 9.58 -15.07
N ALA A 63 43.69 8.88 -15.40
CA ALA A 63 43.69 7.98 -16.56
C ALA A 63 44.21 8.69 -17.80
N GLU A 64 43.64 9.84 -18.14
CA GLU A 64 44.11 10.67 -19.23
C GLU A 64 44.57 12.02 -18.69
N LYS A 65 45.49 12.65 -19.42
CA LYS A 65 46.02 13.95 -19.00
C LYS A 65 44.90 14.95 -18.77
N ARG A 66 43.83 14.87 -19.56
CA ARG A 66 42.74 15.82 -19.45
C ARG A 66 42.04 15.69 -18.09
N ALA A 67 41.54 14.50 -17.80
CA ALA A 67 40.61 14.30 -16.70
C ALA A 67 41.36 13.97 -15.41
N TRP A 68 41.04 14.71 -14.36
CA TRP A 68 41.39 14.35 -12.99
C TRP A 68 40.07 14.01 -12.31
N ILE A 69 39.83 12.71 -12.15
CA ILE A 69 38.50 12.20 -11.78
C ILE A 69 38.53 11.81 -10.31
N LEU A 70 37.65 12.42 -9.53
CA LEU A 70 37.51 12.12 -8.12
C LEU A 70 36.35 11.15 -7.94
N ARG A 71 36.57 10.11 -7.13
CA ARG A 71 35.60 9.04 -6.97
C ARG A 71 35.30 8.84 -5.49
N ILE A 72 34.03 8.83 -5.13
CA ILE A 72 33.58 8.70 -3.75
C ILE A 72 32.63 7.51 -3.68
N ARG A 73 33.09 6.40 -3.13
CA ARG A 73 32.26 5.22 -3.00
C ARG A 73 31.47 5.25 -1.70
N ASP A 74 30.48 4.37 -1.61
CA ASP A 74 29.61 4.26 -0.44
C ASP A 74 29.19 5.65 0.03
N VAL A 75 28.67 6.43 -0.93
CA VAL A 75 28.31 7.81 -0.66
C VAL A 75 27.35 7.90 0.52
N LYS A 76 27.42 9.02 1.24
CA LYS A 76 26.57 9.28 2.38
C LYS A 76 25.99 10.68 2.27
N GLU A 77 24.95 10.93 3.08
CA GLU A 77 24.33 12.24 3.04
C GLU A 77 25.29 13.33 3.51
N SER A 78 26.16 13.00 4.46
CA SER A 78 27.15 13.97 4.93
C SER A 78 28.07 14.43 3.81
N ASP A 79 28.32 13.57 2.83
CA ASP A 79 29.25 13.90 1.74
C ASP A 79 28.69 14.97 0.82
N LYS A 80 27.37 15.12 0.75
CA LYS A 80 26.79 15.99 -0.25
C LYS A 80 27.06 17.46 0.06
N GLY A 81 27.17 18.25 -0.98
CA GLY A 81 27.46 19.66 -0.86
C GLY A 81 28.27 20.12 -2.04
N TRP A 82 29.05 21.18 -1.82
CA TRP A 82 29.83 21.79 -2.88
C TRP A 82 31.24 21.23 -2.91
N TYR A 83 31.75 21.03 -4.12
CA TYR A 83 33.08 20.49 -4.35
C TYR A 83 33.81 21.37 -5.36
N MET A 84 35.08 21.65 -5.10
CA MET A 84 35.88 22.54 -5.92
C MET A 84 37.04 21.79 -6.55
N CYS A 85 37.26 22.08 -7.83
CA CYS A 85 38.48 21.69 -8.53
C CYS A 85 39.37 22.92 -8.65
N GLN A 86 40.59 22.83 -8.15
CA GLN A 86 41.48 23.98 -8.03
C GLN A 86 42.79 23.72 -8.76
N ILE A 87 43.31 24.78 -9.38
CA ILE A 87 44.60 24.75 -10.05
C ILE A 87 45.52 25.75 -9.38
N ASN A 88 46.70 25.29 -8.96
CA ASN A 88 47.64 26.14 -8.23
C ASN A 88 48.18 27.21 -9.16
N THR A 89 47.63 28.42 -9.06
CA THR A 89 48.05 29.54 -9.90
C THR A 89 48.02 30.80 -9.07
N ASP A 90 48.73 31.81 -9.55
CA ASP A 90 48.72 33.13 -8.93
C ASP A 90 48.28 34.18 -9.95
N PRO A 91 47.01 34.62 -9.87
CA PRO A 91 45.96 34.18 -8.95
C PRO A 91 45.52 32.75 -9.21
N MET A 92 44.79 32.17 -8.27
CA MET A 92 44.34 30.80 -8.38
C MET A 92 43.09 30.72 -9.25
N LYS A 93 42.97 29.62 -10.00
CA LYS A 93 41.82 29.35 -10.84
C LYS A 93 41.05 28.16 -10.28
N SER A 94 39.73 28.29 -10.22
CA SER A 94 38.89 27.26 -9.63
C SER A 94 37.50 27.29 -10.25
N GLN A 95 36.98 26.11 -10.55
CA GLN A 95 35.57 25.93 -10.89
C GLN A 95 34.95 24.99 -9.87
N VAL A 96 33.65 25.17 -9.64
CA VAL A 96 32.98 24.51 -8.53
C VAL A 96 31.68 23.87 -9.01
N GLY A 97 31.34 22.75 -8.39
CA GLY A 97 30.14 22.02 -8.74
C GLY A 97 29.49 21.43 -7.50
N TYR A 98 28.22 21.07 -7.65
CA TYR A 98 27.41 20.59 -6.54
C TYR A 98 27.13 19.11 -6.70
N LEU A 99 27.21 18.38 -5.58
CA LEU A 99 26.82 16.98 -5.51
C LEU A 99 25.59 16.90 -4.61
N ASP A 100 24.46 16.52 -5.20
CA ASP A 100 23.24 16.31 -4.44
C ASP A 100 23.07 14.81 -4.23
N VAL A 101 23.03 14.40 -2.99
CA VAL A 101 22.76 13.01 -2.65
C VAL A 101 21.26 12.83 -2.50
N VAL A 102 20.78 11.62 -2.74
CA VAL A 102 19.36 11.33 -2.76
C VAL A 102 19.14 9.98 -2.10
N VAL A 103 18.01 9.84 -1.40
CA VAL A 103 17.65 8.62 -0.70
C VAL A 103 16.39 8.06 -1.36
N PRO A 104 16.34 6.77 -1.71
CA PRO A 104 15.08 6.18 -2.16
C PRO A 104 14.00 6.31 -1.11
N PRO A 105 12.79 5.85 -1.39
CA PRO A 105 11.70 5.98 -0.42
C PRO A 105 11.59 4.77 0.48
N ASP A 106 11.15 5.02 1.72
CA ASP A 106 10.93 3.95 2.68
C ASP A 106 9.69 4.25 3.50
N ILE A 107 8.87 3.22 3.69
CA ILE A 107 7.68 3.31 4.54
C ILE A 107 8.04 2.76 5.91
N LEU A 108 7.62 3.46 6.95
CA LEU A 108 7.96 3.10 8.31
C LEU A 108 6.97 2.07 8.85
N ASP A 109 7.37 1.40 9.93
CA ASP A 109 6.49 0.46 10.60
C ASP A 109 5.52 1.17 11.54
N TYR A 110 5.82 2.40 11.92
CA TYR A 110 4.95 3.19 12.77
C TYR A 110 5.08 4.66 12.37
N PRO A 111 3.98 5.42 12.39
CA PRO A 111 2.60 5.04 12.72
C PRO A 111 1.87 4.37 11.57
N THR A 112 2.63 3.82 10.61
CA THR A 112 2.02 3.12 9.49
C THR A 112 1.03 2.07 9.99
N SER A 113 -0.17 2.10 9.41
CA SER A 113 -1.20 1.15 9.80
C SER A 113 -0.81 -0.27 9.38
N THR A 114 -1.33 -1.24 10.12
CA THR A 114 -1.24 -2.63 9.77
C THR A 114 -2.62 -3.12 9.31
N ASP A 115 -2.77 -4.43 9.19
CA ASP A 115 -4.06 -5.00 8.85
C ASP A 115 -5.08 -4.66 9.93
N MET A 116 -5.97 -3.71 9.66
CA MET A 116 -6.95 -3.23 10.63
C MET A 116 -8.30 -3.90 10.42
N VAL A 117 -9.08 -3.98 11.50
CA VAL A 117 -10.39 -4.62 11.48
C VAL A 117 -11.35 -3.74 12.27
N ILE A 118 -12.45 -3.34 11.63
CA ILE A 118 -13.43 -2.45 12.24
C ILE A 118 -14.83 -2.93 11.89
N ARG A 119 -15.77 -2.71 12.80
CA ARG A 119 -17.16 -3.09 12.56
C ARG A 119 -17.80 -2.17 11.52
N GLU A 120 -18.79 -2.70 10.80
CA GLU A 120 -19.51 -1.92 9.81
C GLU A 120 -20.24 -0.76 10.49
N GLY A 121 -20.30 0.38 9.81
CA GLY A 121 -20.90 1.57 10.36
C GLY A 121 -20.00 2.38 11.26
N SER A 122 -18.74 2.00 11.41
CA SER A 122 -17.81 2.66 12.32
C SER A 122 -16.85 3.53 11.53
N ASN A 123 -15.83 4.05 12.23
CA ASN A 123 -14.81 4.91 11.63
C ASN A 123 -13.48 4.18 11.54
N VAL A 124 -12.55 4.80 10.82
CA VAL A 124 -11.20 4.27 10.67
C VAL A 124 -10.32 5.38 10.11
N THR A 125 -8.99 5.20 10.21
CA THR A 125 -8.05 6.15 9.62
C THR A 125 -6.81 5.36 9.20
N LEU A 126 -6.72 5.02 7.91
CA LEU A 126 -5.58 4.28 7.40
C LEU A 126 -4.41 5.23 7.22
N LYS A 127 -3.48 5.21 8.17
CA LYS A 127 -2.33 6.09 8.16
C LYS A 127 -1.18 5.44 7.40
N CYS A 128 -0.33 6.29 6.80
CA CYS A 128 0.87 5.80 6.14
C CYS A 128 1.88 6.95 6.09
N ALA A 129 3.08 6.70 6.62
CA ALA A 129 4.17 7.66 6.59
C ALA A 129 5.39 7.03 5.92
N ALA A 130 6.17 7.86 5.25
CA ALA A 130 7.34 7.39 4.53
C ALA A 130 8.42 8.46 4.53
N THR A 131 9.67 8.01 4.50
CA THR A 131 10.82 8.90 4.45
C THR A 131 11.42 8.89 3.05
N GLY A 132 12.09 9.99 2.71
CA GLY A 132 12.74 10.10 1.43
C GLY A 132 13.24 11.51 1.17
N SER A 133 14.13 11.64 0.18
CA SER A 133 14.62 12.94 -0.26
C SER A 133 14.70 12.88 -1.77
N PRO A 134 13.89 13.68 -2.48
CA PRO A 134 12.89 14.62 -1.97
C PRO A 134 11.81 13.94 -1.15
N THR A 135 11.33 14.64 -0.12
CA THR A 135 10.26 14.15 0.74
C THR A 135 9.17 13.50 -0.13
N PRO A 136 8.94 12.20 0.01
CA PRO A 136 8.11 11.49 -0.98
C PRO A 136 6.64 11.88 -0.86
N THR A 137 5.89 11.47 -1.88
CA THR A 137 4.46 11.70 -1.96
C THR A 137 3.73 10.38 -1.77
N ILE A 138 2.69 10.39 -0.93
CA ILE A 138 1.97 9.18 -0.56
C ILE A 138 0.64 9.14 -1.31
N THR A 139 0.28 7.95 -1.79
CA THR A 139 -0.96 7.76 -2.55
C THR A 139 -1.58 6.44 -2.16
N TRP A 140 -2.89 6.46 -1.95
CA TRP A 140 -3.66 5.27 -1.62
C TRP A 140 -4.40 4.75 -2.86
N ARG A 141 -4.45 3.43 -3.00
CA ARG A 141 -5.25 2.79 -4.04
C ARG A 141 -5.82 1.50 -3.48
N ARG A 142 -6.52 0.76 -4.33
CA ARG A 142 -7.05 -0.54 -3.98
C ARG A 142 -6.68 -1.55 -5.05
N GLU A 143 -6.47 -2.80 -4.61
CA GLU A 143 -5.92 -3.82 -5.51
C GLU A 143 -6.78 -4.00 -6.74
N GLY A 144 -8.10 -4.07 -6.57
CA GLY A 144 -8.99 -4.22 -7.70
C GLY A 144 -9.42 -2.89 -8.28
N GLY A 145 -8.60 -1.86 -8.08
CA GLY A 145 -8.96 -0.53 -8.54
C GLY A 145 -10.28 -0.03 -8.02
N GLU A 146 -10.77 -0.62 -6.92
CA GLU A 146 -12.06 -0.24 -6.39
C GLU A 146 -12.08 1.24 -5.99
N LEU A 147 -13.28 1.72 -5.67
CA LEU A 147 -13.46 3.10 -5.25
C LEU A 147 -12.99 3.29 -3.81
N ILE A 148 -12.87 4.55 -3.41
CA ILE A 148 -12.42 4.89 -2.06
C ILE A 148 -13.30 6.03 -1.56
N PRO A 149 -14.18 5.79 -0.58
CA PRO A 149 -15.13 6.83 -0.18
C PRO A 149 -14.43 8.09 0.29
N LEU A 150 -14.87 9.23 -0.22
CA LEU A 150 -14.31 10.52 0.11
C LEU A 150 -15.17 11.23 1.14
N PRO A 151 -14.61 12.19 1.88
CA PRO A 151 -15.38 12.83 2.96
C PRO A 151 -16.59 13.62 2.47
N ASN A 152 -16.65 13.95 1.19
CA ASN A 152 -17.78 14.70 0.64
C ASN A 152 -18.90 13.80 0.13
N GLY A 153 -18.72 12.48 0.19
CA GLY A 153 -19.67 11.54 -0.37
C GLY A 153 -19.29 11.03 -1.75
N ALA A 154 -18.47 11.77 -2.49
CA ALA A 154 -17.98 11.30 -3.77
C ALA A 154 -16.96 10.18 -3.55
N GLU A 155 -16.47 9.62 -4.65
CA GLU A 155 -15.58 8.46 -4.59
C GLU A 155 -14.64 8.50 -5.79
N ALA A 156 -13.39 8.09 -5.57
CA ALA A 156 -12.37 8.11 -6.61
C ALA A 156 -11.51 6.85 -6.48
N VAL A 157 -10.47 6.78 -7.31
CA VAL A 157 -9.60 5.61 -7.36
C VAL A 157 -8.28 5.82 -6.64
N ALA A 158 -7.86 7.07 -6.44
CA ALA A 158 -6.58 7.34 -5.79
C ALA A 158 -6.70 8.61 -4.96
N TYR A 159 -6.43 8.49 -3.66
CA TYR A 159 -6.45 9.61 -2.73
C TYR A 159 -5.04 9.92 -2.28
N ASN A 160 -4.70 11.20 -2.23
CA ASN A 160 -3.39 11.63 -1.76
C ASN A 160 -3.46 12.01 -0.28
N GLY A 161 -2.30 12.09 0.34
CA GLY A 161 -2.20 12.41 1.74
C GLY A 161 -1.85 11.17 2.56
N SER A 162 -1.04 11.38 3.60
CA SER A 162 -0.64 10.26 4.45
C SER A 162 -1.85 9.66 5.16
N PHE A 163 -2.73 10.51 5.69
CA PHE A 163 -3.84 10.07 6.52
C PHE A 163 -5.12 10.03 5.71
N LEU A 164 -5.74 8.86 5.66
CA LEU A 164 -7.01 8.65 4.96
C LEU A 164 -8.05 8.20 5.97
N THR A 165 -9.10 8.99 6.14
CA THR A 165 -10.18 8.70 7.07
C THR A 165 -11.43 8.29 6.30
N ILE A 166 -11.99 7.14 6.66
CA ILE A 166 -13.25 6.67 6.11
C ILE A 166 -14.29 6.70 7.23
N ALA A 167 -15.44 7.30 6.95
CA ALA A 167 -16.53 7.40 7.92
C ALA A 167 -17.59 6.34 7.62
N LYS A 168 -18.13 5.73 8.67
CA LYS A 168 -19.12 4.68 8.54
C LYS A 168 -18.70 3.69 7.46
N VAL A 169 -17.69 2.87 7.76
CA VAL A 169 -17.21 1.90 6.79
C VAL A 169 -18.35 0.97 6.39
N ASN A 170 -18.33 0.53 5.14
CA ASN A 170 -19.29 -0.41 4.60
C ASN A 170 -18.56 -1.67 4.14
N ARG A 171 -19.31 -2.77 4.08
CA ARG A 171 -18.72 -4.04 3.66
C ARG A 171 -18.15 -3.96 2.25
N LEU A 172 -18.59 -2.98 1.44
CA LEU A 172 -17.98 -2.79 0.13
C LEU A 172 -16.62 -2.11 0.23
N ASN A 173 -16.41 -1.31 1.27
CA ASN A 173 -15.10 -0.72 1.49
C ASN A 173 -14.06 -1.80 1.80
N MET A 174 -14.50 -2.92 2.37
CA MET A 174 -13.59 -4.01 2.69
C MET A 174 -12.80 -4.42 1.44
N GLY A 175 -11.53 -4.70 1.62
CA GLY A 175 -10.67 -5.09 0.52
C GLY A 175 -9.23 -4.74 0.83
N ALA A 176 -8.40 -4.90 -0.20
CA ALA A 176 -6.97 -4.67 -0.07
C ALA A 176 -6.65 -3.23 -0.45
N TYR A 177 -6.06 -2.48 0.48
CA TYR A 177 -5.63 -1.11 0.26
C TYR A 177 -4.12 -1.07 0.14
N LEU A 178 -3.63 -0.19 -0.74
CA LEU A 178 -2.20 -0.08 -1.01
C LEU A 178 -1.75 1.34 -0.71
N CYS A 179 -0.80 1.47 0.22
CA CYS A 179 -0.10 2.74 0.41
C CYS A 179 1.10 2.78 -0.53
N ILE A 180 1.22 3.88 -1.27
CA ILE A 180 2.25 4.03 -2.27
C ILE A 180 3.03 5.31 -1.98
N ALA A 181 4.34 5.18 -1.79
CA ALA A 181 5.20 6.31 -1.46
C ALA A 181 6.27 6.42 -2.53
N SER A 182 6.21 7.49 -3.33
CA SER A 182 7.15 7.73 -4.42
C SER A 182 7.84 9.07 -4.19
N ASN A 183 9.17 9.06 -4.25
CA ASN A 183 9.97 10.27 -4.18
C ASN A 183 10.45 10.72 -5.55
N GLY A 184 10.14 9.98 -6.61
CA GLY A 184 10.72 10.24 -7.91
C GLY A 184 12.05 9.56 -8.14
N ILE A 185 12.48 8.69 -7.23
CA ILE A 185 13.73 7.95 -7.37
C ILE A 185 13.42 6.46 -7.24
N PRO A 186 14.00 5.61 -8.10
CA PRO A 186 13.71 4.18 -7.96
C PRO A 186 14.44 3.55 -6.78
N PRO A 187 13.89 2.48 -6.19
CA PRO A 187 12.61 1.86 -6.53
C PRO A 187 11.48 2.31 -5.62
N THR A 188 10.42 2.88 -6.19
CA THR A 188 9.25 3.21 -5.40
C THR A 188 8.71 1.95 -4.73
N VAL A 189 8.24 2.10 -3.49
CA VAL A 189 7.76 0.97 -2.71
C VAL A 189 6.35 1.27 -2.20
N SER A 190 5.65 0.19 -1.83
CA SER A 190 4.28 0.31 -1.38
C SER A 190 3.99 -0.81 -0.38
N LYS A 191 3.12 -0.51 0.59
CA LYS A 191 2.70 -1.46 1.60
C LYS A 191 1.23 -1.76 1.43
N ARG A 192 0.85 -3.02 1.65
CA ARG A 192 -0.52 -3.49 1.49
C ARG A 192 -1.19 -3.58 2.85
N VAL A 193 -2.16 -2.69 3.08
CA VAL A 193 -2.96 -2.72 4.30
C VAL A 193 -4.23 -3.52 4.01
N MET A 194 -4.70 -4.26 5.01
CA MET A 194 -5.91 -5.06 4.88
C MET A 194 -6.99 -4.45 5.77
N LEU A 195 -8.08 -3.98 5.15
CA LEU A 195 -9.21 -3.43 5.88
C LEU A 195 -10.33 -4.47 5.87
N ILE A 196 -10.52 -5.14 6.99
CA ILE A 196 -11.58 -6.13 7.14
C ILE A 196 -12.67 -5.53 8.01
N VAL A 197 -13.90 -5.97 7.77
CA VAL A 197 -15.07 -5.44 8.47
C VAL A 197 -15.95 -6.59 8.90
N HIS A 198 -16.54 -6.46 10.10
CA HIS A 198 -17.53 -7.39 10.61
C HIS A 198 -18.85 -6.67 10.76
N PHE A 199 -19.95 -7.42 10.57
CA PHE A 199 -21.27 -6.83 10.63
C PHE A 199 -22.27 -7.85 11.16
N PRO A 200 -23.13 -7.48 12.10
CA PRO A 200 -24.21 -8.37 12.52
C PRO A 200 -25.02 -8.83 11.31
N PRO A 201 -25.29 -10.13 11.19
CA PRO A 201 -25.93 -10.66 9.99
C PRO A 201 -27.31 -10.06 9.76
N MET A 202 -27.73 -10.07 8.51
CA MET A 202 -29.06 -9.62 8.11
C MET A 202 -29.63 -10.60 7.10
N ILE A 203 -30.96 -10.70 7.07
CA ILE A 203 -31.65 -11.71 6.30
C ILE A 203 -32.64 -11.03 5.35
N TRP A 204 -32.57 -11.39 4.08
CA TRP A 204 -33.59 -11.04 3.09
C TRP A 204 -34.29 -12.31 2.63
N ILE A 205 -35.58 -12.20 2.33
CA ILE A 205 -36.38 -13.34 1.94
C ILE A 205 -37.24 -12.93 0.74
N GLN A 206 -37.10 -13.66 -0.37
CA GLN A 206 -37.84 -13.31 -1.58
C GLN A 206 -39.34 -13.56 -1.39
N ASN A 207 -39.71 -14.80 -1.14
CA ASN A 207 -41.11 -15.20 -1.02
C ASN A 207 -41.39 -15.60 0.42
N GLN A 208 -41.91 -14.67 1.21
CA GLN A 208 -42.32 -14.97 2.58
C GLN A 208 -43.65 -15.71 2.65
N LEU A 209 -44.26 -16.04 1.51
CA LEU A 209 -45.50 -16.79 1.47
C LEU A 209 -45.44 -17.76 0.30
N VAL A 210 -45.39 -19.05 0.59
CA VAL A 210 -45.28 -20.09 -0.44
C VAL A 210 -46.31 -21.16 -0.15
N GLY A 211 -47.04 -21.59 -1.19
CA GLY A 211 -48.03 -22.63 -1.03
C GLY A 211 -47.62 -23.94 -1.65
N ALA A 212 -48.24 -25.04 -1.24
CA ALA A 212 -47.87 -26.35 -1.76
C ALA A 212 -49.03 -27.32 -1.58
N ALA A 213 -49.14 -28.26 -2.51
CA ALA A 213 -50.06 -29.37 -2.41
C ALA A 213 -49.30 -30.60 -1.91
N LEU A 214 -50.03 -31.70 -1.70
CA LEU A 214 -49.41 -32.91 -1.21
C LEU A 214 -48.75 -33.69 -2.35
N THR A 215 -47.65 -34.36 -2.02
CA THR A 215 -46.81 -35.16 -2.90
C THR A 215 -45.86 -34.28 -3.72
N GLN A 216 -45.91 -32.96 -3.55
CA GLN A 216 -45.05 -32.05 -4.29
C GLN A 216 -43.77 -31.76 -3.52
N ASN A 217 -42.71 -31.46 -4.26
CA ASN A 217 -41.42 -31.13 -3.69
C ASN A 217 -41.20 -29.62 -3.81
N ILE A 218 -41.09 -28.95 -2.66
CA ILE A 218 -40.95 -27.51 -2.62
C ILE A 218 -39.70 -27.14 -1.82
N THR A 219 -39.15 -25.97 -2.12
CA THR A 219 -37.92 -25.49 -1.50
C THR A 219 -38.09 -24.06 -1.04
N LEU A 220 -37.89 -23.82 0.26
CA LEU A 220 -37.84 -22.48 0.81
C LEU A 220 -36.42 -21.94 0.69
N GLU A 221 -36.30 -20.61 0.80
CA GLU A 221 -34.99 -19.98 0.57
C GLU A 221 -34.93 -18.62 1.25
N CYS A 222 -33.76 -18.30 1.79
CA CYS A 222 -33.47 -17.01 2.40
C CYS A 222 -32.16 -16.49 1.83
N GLN A 223 -31.76 -15.30 2.27
CA GLN A 223 -30.49 -14.71 1.87
C GLN A 223 -29.94 -13.91 3.05
N SER A 224 -28.71 -14.20 3.45
CA SER A 224 -28.11 -13.57 4.60
C SER A 224 -26.74 -13.01 4.23
N GLU A 225 -26.31 -12.02 5.01
CA GLU A 225 -24.98 -11.44 4.89
C GLU A 225 -24.41 -11.30 6.29
N ALA A 226 -23.36 -12.06 6.59
CA ALA A 226 -22.78 -12.07 7.93
C ALA A 226 -21.27 -12.24 7.85
N TYR A 227 -20.55 -11.45 8.62
CA TYR A 227 -19.11 -11.64 8.77
C TYR A 227 -18.69 -11.32 10.21
N PRO A 228 -18.02 -12.28 10.86
CA PRO A 228 -17.59 -13.51 10.19
C PRO A 228 -18.78 -14.37 9.78
N LYS A 229 -18.57 -15.26 8.81
CA LYS A 229 -19.64 -16.10 8.28
C LYS A 229 -20.57 -16.57 9.38
N SER A 230 -21.86 -16.71 9.08
CA SER A 230 -22.88 -16.98 10.07
C SER A 230 -23.36 -18.42 9.97
N ILE A 231 -23.74 -18.98 11.12
CA ILE A 231 -24.36 -20.30 11.18
C ILE A 231 -25.84 -20.15 10.91
N ASN A 232 -26.31 -20.79 9.84
CA ASN A 232 -27.68 -20.63 9.36
C ASN A 232 -28.43 -21.95 9.52
N TYR A 233 -29.47 -21.94 10.34
CA TYR A 233 -30.31 -23.10 10.58
C TYR A 233 -31.77 -22.71 10.44
N TRP A 234 -32.62 -23.72 10.25
CA TRP A 234 -34.06 -23.53 10.10
C TRP A 234 -34.78 -23.88 11.40
N MET A 235 -35.93 -23.26 11.60
CA MET A 235 -36.73 -23.46 12.81
C MET A 235 -38.20 -23.64 12.43
N LYS A 236 -38.91 -24.41 13.24
CA LYS A 236 -40.36 -24.57 13.10
C LYS A 236 -40.91 -25.01 14.44
N ASN A 237 -41.83 -24.23 14.99
CA ASN A 237 -42.41 -24.48 16.32
C ASN A 237 -41.43 -24.17 17.43
N ASP A 238 -40.42 -23.33 17.15
CA ASP A 238 -39.36 -23.02 18.09
C ASP A 238 -38.41 -24.19 18.30
N THR A 239 -38.22 -25.01 17.28
CA THR A 239 -37.37 -26.19 17.37
C THR A 239 -36.50 -26.28 16.12
N ILE A 240 -35.32 -26.89 16.29
CA ILE A 240 -34.38 -27.00 15.19
C ILE A 240 -34.86 -28.03 14.17
N ILE A 241 -34.61 -27.75 12.90
CA ILE A 241 -34.92 -28.68 11.82
C ILE A 241 -33.65 -29.44 11.48
N VAL A 242 -33.63 -30.73 11.79
CA VAL A 242 -32.54 -31.63 11.41
C VAL A 242 -33.01 -32.45 10.22
N PRO A 243 -32.25 -32.51 9.12
CA PRO A 243 -32.73 -33.22 7.93
C PRO A 243 -32.95 -34.70 8.21
N GLY A 244 -34.17 -35.16 7.95
CA GLY A 244 -34.52 -36.55 8.10
C GLY A 244 -35.18 -37.11 6.86
N GLU A 245 -34.41 -37.20 5.77
CA GLU A 245 -34.86 -37.75 4.49
C GLU A 245 -35.94 -36.90 3.84
N ARG A 246 -36.97 -36.49 4.60
CA ARG A 246 -38.03 -35.68 4.03
C ARG A 246 -37.59 -34.23 3.83
N PHE A 247 -36.85 -33.68 4.77
CA PHE A 247 -36.44 -32.28 4.76
C PHE A 247 -34.92 -32.21 4.79
N VAL A 248 -34.33 -31.42 3.89
CA VAL A 248 -32.89 -31.29 3.78
C VAL A 248 -32.53 -29.82 3.64
N PRO A 249 -31.78 -29.24 4.56
CA PRO A 249 -31.31 -27.86 4.40
C PRO A 249 -29.91 -27.79 3.79
N GLU A 250 -29.72 -26.72 3.03
CA GLU A 250 -28.48 -26.46 2.31
C GLU A 250 -28.02 -25.04 2.62
N THR A 251 -26.75 -24.76 2.29
CA THR A 251 -26.20 -23.42 2.39
C THR A 251 -25.15 -23.25 1.29
N PHE A 252 -25.18 -22.07 0.66
CA PHE A 252 -24.26 -21.75 -0.44
C PHE A 252 -23.61 -20.41 -0.09
N GLU A 253 -22.35 -20.46 0.34
CA GLU A 253 -21.66 -19.32 0.91
C GLU A 253 -20.70 -18.72 -0.10
N SER A 254 -20.72 -17.39 -0.22
CA SER A 254 -19.80 -16.66 -1.10
C SER A 254 -19.34 -15.43 -0.34
N GLY A 255 -18.10 -15.45 0.15
CA GLY A 255 -17.63 -14.36 0.98
C GLY A 255 -18.52 -14.23 2.21
N TYR A 256 -19.00 -13.01 2.45
CA TYR A 256 -19.88 -12.78 3.58
C TYR A 256 -21.33 -13.13 3.29
N LYS A 257 -21.66 -13.44 2.04
CA LYS A 257 -23.04 -13.77 1.67
C LYS A 257 -23.31 -15.25 1.87
N ILE A 258 -24.58 -15.58 2.09
CA ILE A 258 -25.02 -16.95 2.32
C ILE A 258 -26.45 -17.10 1.85
N THR A 259 -26.71 -18.11 1.03
CA THR A 259 -28.04 -18.42 0.51
C THR A 259 -28.41 -19.83 0.95
N MET A 260 -29.35 -19.93 1.89
CA MET A 260 -29.73 -21.19 2.51
C MET A 260 -31.09 -21.66 2.00
N ARG A 261 -31.20 -22.96 1.74
CA ARG A 261 -32.42 -23.58 1.27
C ARG A 261 -32.83 -24.71 2.20
N LEU A 262 -34.15 -24.96 2.25
CA LEU A 262 -34.72 -26.11 2.95
C LEU A 262 -35.68 -26.80 1.98
N THR A 263 -35.19 -27.84 1.32
CA THR A 263 -35.98 -28.56 0.32
C THR A 263 -36.85 -29.60 1.00
N ILE A 264 -38.16 -29.44 0.89
CA ILE A 264 -39.14 -30.34 1.49
C ILE A 264 -39.64 -31.28 0.40
N TYR A 265 -39.48 -32.58 0.63
CA TYR A 265 -39.90 -33.59 -0.34
C TYR A 265 -41.20 -34.26 0.10
N GLU A 266 -42.11 -34.44 -0.86
CA GLU A 266 -43.41 -35.03 -0.60
C GLU A 266 -44.08 -34.34 0.59
N VAL A 267 -44.66 -33.16 0.33
CA VAL A 267 -45.19 -32.34 1.42
C VAL A 267 -46.33 -33.06 2.12
N ASP A 268 -46.25 -33.11 3.44
CA ASP A 268 -47.28 -33.68 4.30
C ASP A 268 -48.14 -32.57 4.89
N ILE A 269 -49.31 -32.95 5.41
CA ILE A 269 -50.22 -31.96 5.98
C ILE A 269 -49.66 -31.39 7.28
N GLN A 270 -48.87 -32.19 8.01
CA GLN A 270 -48.22 -31.70 9.22
C GLN A 270 -47.06 -30.75 8.93
N ASP A 271 -46.56 -30.73 7.69
CA ASP A 271 -45.44 -29.85 7.36
C ASP A 271 -45.87 -28.39 7.32
N PHE A 272 -47.10 -28.13 6.85
CA PHE A 272 -47.57 -26.75 6.74
C PHE A 272 -47.52 -26.05 8.10
N GLY A 273 -47.16 -24.78 8.07
CA GLY A 273 -47.05 -24.01 9.30
C GLY A 273 -46.17 -22.79 9.08
N ALA A 274 -45.44 -22.43 10.14
CA ALA A 274 -44.56 -21.26 10.13
C ALA A 274 -43.11 -21.72 10.29
N TYR A 275 -42.29 -21.39 9.31
CA TYR A 275 -40.87 -21.67 9.34
C TYR A 275 -40.08 -20.38 9.63
N ARG A 276 -38.81 -20.55 9.97
CA ARG A 276 -37.93 -19.41 10.22
C ARG A 276 -36.51 -19.78 9.81
N CYS A 277 -35.85 -18.87 9.10
CA CYS A 277 -34.43 -18.99 8.80
C CYS A 277 -33.66 -18.06 9.72
N VAL A 278 -32.75 -18.62 10.50
CA VAL A 278 -32.00 -17.87 11.50
C VAL A 278 -30.53 -17.79 11.07
N ALA A 279 -29.91 -16.67 11.39
CA ALA A 279 -28.49 -16.45 11.12
C ALA A 279 -27.84 -15.87 12.37
N LYS A 280 -26.66 -16.38 12.70
CA LYS A 280 -25.99 -16.02 13.94
C LYS A 280 -24.48 -15.96 13.70
N ASN A 281 -23.85 -14.90 14.19
CA ASN A 281 -22.41 -14.75 14.12
C ASN A 281 -21.93 -14.11 15.42
N SER A 282 -20.65 -13.73 15.45
CA SER A 282 -20.06 -13.20 16.68
C SER A 282 -20.70 -11.89 17.12
N LEU A 283 -21.44 -11.22 16.25
CA LEU A 283 -21.92 -9.87 16.53
C LEU A 283 -23.44 -9.78 16.67
N GLY A 284 -24.13 -10.90 16.66
CA GLY A 284 -25.57 -10.90 16.84
C GLY A 284 -26.21 -11.99 16.02
N ASP A 285 -27.54 -12.00 16.08
CA ASP A 285 -28.33 -12.99 15.37
C ASP A 285 -29.57 -12.33 14.79
N THR A 286 -30.19 -13.01 13.84
CA THR A 286 -31.36 -12.47 13.14
C THR A 286 -32.15 -13.64 12.55
N ASP A 287 -33.36 -13.33 12.08
CA ASP A 287 -34.24 -14.37 11.55
C ASP A 287 -35.28 -13.75 10.63
N GLY A 288 -35.93 -14.62 9.85
CA GLY A 288 -37.04 -14.23 9.02
C GLY A 288 -38.19 -15.23 9.19
N ALA A 289 -39.31 -14.90 8.56
CA ALA A 289 -40.53 -15.70 8.69
C ALA A 289 -41.06 -16.06 7.31
N ILE A 290 -41.20 -17.36 7.06
CA ILE A 290 -41.81 -17.88 5.85
C ILE A 290 -43.01 -18.74 6.25
N LYS A 291 -44.14 -18.52 5.61
CA LYS A 291 -45.35 -19.29 5.89
C LYS A 291 -45.64 -20.24 4.73
N LEU A 292 -45.73 -21.53 5.04
CA LEU A 292 -46.12 -22.54 4.07
C LEU A 292 -47.59 -22.86 4.27
N TYR A 293 -48.37 -22.80 3.19
CA TYR A 293 -49.81 -22.99 3.27
C TYR A 293 -50.28 -23.90 2.14
N HIS A 294 -51.56 -24.26 2.20
CA HIS A 294 -52.16 -25.25 1.32
C HIS A 294 -52.73 -24.60 0.06
N ILE A 295 -52.88 -25.41 -0.98
CA ILE A 295 -53.40 -24.95 -2.27
C ILE A 295 -54.92 -25.02 -2.27
N PRO A 296 -55.52 -26.21 -2.12
CA PRO A 296 -56.99 -26.29 -2.16
C PRO A 296 -57.63 -25.89 -0.83
C1 NAG B . 24.01 22.60 -9.38
C2 NAG B . 23.64 23.90 -10.13
C3 NAG B . 23.46 25.06 -9.14
C4 NAG B . 22.59 24.66 -7.96
C5 NAG B . 23.13 23.39 -7.34
C6 NAG B . 22.35 22.91 -6.14
C7 NAG B . 24.64 23.80 -12.37
C8 NAG B . 25.78 24.26 -13.23
N2 NAG B . 24.65 24.23 -11.10
O3 NAG B . 22.86 26.16 -9.82
O4 NAG B . 22.62 25.67 -6.96
O5 NAG B . 23.09 22.36 -8.33
O6 NAG B . 21.00 22.65 -6.46
O7 NAG B . 23.75 23.09 -12.82
C1 NAG B . 21.29 26.14 -6.78
C2 NAG B . 21.16 26.60 -5.32
C3 NAG B . 19.81 27.29 -5.10
C4 NAG B . 19.60 28.39 -6.13
C5 NAG B . 19.73 27.81 -7.52
C6 NAG B . 19.59 28.84 -8.62
C7 NAG B . 21.97 25.55 -3.26
C8 NAG B . 22.02 24.30 -2.45
N2 NAG B . 21.30 25.48 -4.41
O3 NAG B . 19.78 27.84 -3.79
O4 NAG B . 18.33 29.01 -5.95
O5 NAG B . 21.03 27.23 -7.66
O6 NAG B . 20.86 29.37 -8.98
O7 NAG B . 22.51 26.59 -2.90
C1 BMA B . 18.56 30.24 -5.25
C2 BMA B . 17.30 31.09 -5.44
C3 BMA B . 17.48 32.41 -4.72
C4 BMA B . 17.87 32.18 -3.24
C5 BMA B . 19.12 31.27 -3.16
C6 BMA B . 19.61 30.98 -1.72
O2 BMA B . 16.19 30.45 -4.84
O3 BMA B . 16.30 33.20 -4.81
O4 BMA B . 18.14 33.42 -2.60
O5 BMA B . 18.85 30.03 -3.86
O6 BMA B . 18.83 29.92 -1.13
C1 MAN B . 16.63 34.58 -5.10
C2 MAN B . 15.38 35.41 -4.73
C3 MAN B . 14.28 35.16 -5.76
C4 MAN B . 14.78 35.47 -7.16
C5 MAN B . 16.00 34.61 -7.49
C6 MAN B . 16.63 34.97 -8.83
O2 MAN B . 15.65 36.80 -4.78
O3 MAN B . 13.10 35.92 -5.47
O4 MAN B . 13.77 35.22 -8.11
O5 MAN B . 17.03 34.78 -6.47
O6 MAN B . 17.81 34.20 -9.00
C1 MAN B . 19.63 29.30 -0.08
C2 MAN B . 19.10 27.86 0.18
C3 MAN B . 17.81 27.90 1.01
C4 MAN B . 18.00 28.75 2.26
C5 MAN B . 18.40 30.16 1.86
C6 MAN B . 18.64 31.06 3.06
O2 MAN B . 20.03 27.10 0.96
O3 MAN B . 17.37 26.59 1.37
O4 MAN B . 16.78 28.79 3.00
O5 MAN B . 19.64 30.12 1.11
O6 MAN B . 18.87 32.39 2.58
C1 FUC B . 20.67 21.38 -5.85
C2 FUC B . 19.15 21.35 -5.54
C3 FUC B . 18.32 21.20 -6.82
C4 FUC B . 18.83 20.01 -7.64
C5 FUC B . 20.32 20.21 -7.92
C6 FUC B . 20.95 19.07 -8.70
O2 FUC B . 18.73 22.51 -4.81
O3 FUC B . 16.96 20.93 -6.48
O4 FUC B . 18.65 18.80 -6.92
O5 FUC B . 21.06 20.32 -6.71
C1 NAG C . -16.26 9.61 12.39
C2 NAG C . -16.14 10.50 13.60
C3 NAG C . -17.14 11.63 13.52
C4 NAG C . -16.96 12.40 12.22
C5 NAG C . -16.98 11.46 11.02
C6 NAG C . -16.61 12.15 9.72
C7 NAG C . -15.80 10.13 16.01
C8 NAG C . -16.08 9.24 17.17
N2 NAG C . -16.32 9.74 14.84
O3 NAG C . -16.96 12.50 14.64
O4 NAG C . -17.97 13.39 12.07
O5 NAG C . -16.04 10.38 11.20
O6 NAG C . -15.30 11.80 9.31
O7 NAG C . -15.15 11.16 16.13
C1 NAG C . -17.32 14.68 12.03
C2 NAG C . -18.19 15.71 11.31
C3 NAG C . -17.51 17.08 11.33
C4 NAG C . -17.16 17.47 12.77
C5 NAG C . -16.32 16.37 13.42
C6 NAG C . -16.04 16.65 14.88
C7 NAG C . -19.44 14.46 9.61
C8 NAG C . -19.57 14.14 8.15
N2 NAG C . -18.46 15.29 9.94
O3 NAG C . -18.38 18.05 10.76
O4 NAG C . -16.44 18.69 12.77
O5 NAG C . -17.02 15.12 13.36
O6 NAG C . -17.22 17.00 15.59
O7 NAG C . -20.20 13.98 10.45
C1 BMA C . -17.27 19.74 13.30
C2 BMA C . -16.60 20.28 14.59
C3 BMA C . -17.36 21.51 15.09
C4 BMA C . -17.57 22.53 13.97
C5 BMA C . -18.28 21.86 12.78
C6 BMA C . -18.50 22.80 11.61
O2 BMA C . -15.27 20.71 14.32
O3 BMA C . -16.71 22.13 16.19
O4 BMA C . -18.36 23.61 14.43
O5 BMA C . -17.46 20.77 12.33
O6 BMA C . -19.54 22.28 10.80
C1 FUC C . -14.45 12.96 9.26
C2 FUC C . -13.89 13.07 7.81
C3 FUC C . -13.62 14.53 7.41
C4 FUC C . -13.19 15.33 8.64
C5 FUC C . -14.37 15.39 9.62
C6 FUC C . -13.95 15.73 11.05
O2 FUC C . -14.74 12.45 6.85
O3 FUC C . -12.57 14.60 6.46
O4 FUC C . -12.07 14.71 9.25
O5 FUC C . -15.13 14.16 9.65
C1 NAG D . -3.69 14.18 -6.02
C2 NAG D . -2.63 14.66 -6.98
C3 NAG D . -3.31 15.34 -8.16
C4 NAG D . -4.34 14.40 -8.79
C5 NAG D . -5.24 13.72 -7.74
C6 NAG D . -6.02 12.57 -8.31
C7 NAG D . -0.37 15.32 -6.32
C8 NAG D . 0.47 16.34 -5.62
N2 NAG D . -1.69 15.56 -6.34
O3 NAG D . -2.34 15.74 -9.11
O4 NAG D . -5.18 15.15 -9.66
O5 NAG D . -4.47 13.19 -6.65
O6 NAG D . -5.19 11.71 -9.09
O7 NAG D . 0.12 14.33 -6.85
C ACT E . 33.07 9.06 7.03
O ACT E . 32.85 9.06 5.79
OXT ACT E . 32.48 8.24 7.78
CH3 ACT E . 34.03 10.02 7.60
H1 ACT E . 34.92 9.64 7.60
H2 ACT E . 33.77 10.24 8.52
H3 ACT E . 34.03 10.84 7.07
C ACT F . 27.12 10.52 8.28
O ACT F . 27.46 9.51 7.60
OXT ACT F . 25.89 10.75 8.48
CH3 ACT F . 28.15 11.42 8.82
H1 ACT F . 28.41 11.12 9.70
H2 ACT F . 27.79 12.33 8.88
H3 ACT F . 28.93 11.42 8.24
C1 PEG G . 48.97 19.59 -23.03
O1 PEG G . 48.81 18.53 -22.13
C2 PEG G . 48.03 19.44 -24.21
O2 PEG G . 46.71 19.37 -23.74
C3 PEG G . 45.76 19.41 -24.76
C4 PEG G . 44.38 19.15 -24.16
O4 PEG G . 43.81 20.35 -23.74
H11 PEG G . 48.79 20.43 -22.57
H12 PEG G . 49.89 19.60 -23.34
HO1 PEG G . 48.90 18.82 -21.33
H21 PEG G . 48.12 20.20 -24.79
H22 PEG G . 48.25 18.63 -24.69
H31 PEG G . 45.77 20.27 -25.19
H32 PEG G . 45.96 18.72 -25.41
H41 PEG G . 43.80 18.74 -24.83
H42 PEG G . 44.46 18.56 -23.40
HO4 PEG G . 43.06 20.20 -23.36
#